data_6TWG
#
_entry.id   6TWG
#
_entity_poly.entity_id   1
_entity_poly.type   'polypeptide(L)'
_entity_poly.pdbx_seq_one_letter_code
;FLPKILRKIVRAL
;
_entity_poly.pdbx_strand_id   A
#
# COMPACT_ATOMS: atom_id res chain seq x y z
N PHE A 1 3.87 9.66 -1.20
CA PHE A 1 2.84 8.66 -0.98
C PHE A 1 2.65 8.39 0.51
N LEU A 2 1.61 7.64 0.85
CA LEU A 2 1.32 7.29 2.23
C LEU A 2 1.52 5.81 2.48
N PRO A 3 1.73 5.44 3.76
CA PRO A 3 1.93 4.05 4.16
C PRO A 3 0.66 3.22 4.03
N LYS A 4 -0.47 3.83 4.37
CA LYS A 4 -1.76 3.14 4.30
C LYS A 4 -2.10 2.78 2.85
N ILE A 5 -1.98 3.76 1.96
CA ILE A 5 -2.26 3.54 0.55
C ILE A 5 -1.21 2.66 -0.10
N LEU A 6 0.04 2.80 0.36
CA LEU A 6 1.14 2.02 -0.18
C LEU A 6 1.02 0.55 0.22
N ARG A 7 0.87 0.31 1.51
CA ARG A 7 0.73 -1.05 2.03
C ARG A 7 -0.36 -1.80 1.29
N LYS A 8 -1.52 -1.15 1.13
CA LYS A 8 -2.65 -1.76 0.44
C LYS A 8 -2.23 -2.32 -0.91
N ILE A 9 -1.43 -1.55 -1.64
CA ILE A 9 -0.95 -1.96 -2.95
C ILE A 9 -0.08 -3.22 -2.85
N VAL A 10 0.79 -3.24 -1.84
CA VAL A 10 1.67 -4.37 -1.63
C VAL A 10 0.89 -5.67 -1.41
N ARG A 11 -0.07 -5.62 -0.48
CA ARG A 11 -0.89 -6.78 -0.18
C ARG A 11 -1.54 -7.33 -1.45
N ALA A 12 -2.22 -6.45 -2.18
CA ALA A 12 -2.89 -6.86 -3.42
C ALA A 12 -1.89 -7.42 -4.42
N LEU A 13 -0.79 -6.72 -4.61
CA LEU A 13 0.25 -7.15 -5.54
C LEU A 13 0.74 -8.55 -5.20
N PHE A 1 3.88 9.98 -1.16
CA PHE A 1 2.82 9.02 -0.87
C PHE A 1 2.87 8.58 0.59
N LEU A 2 1.84 7.87 1.02
CA LEU A 2 1.75 7.39 2.41
C LEU A 2 1.82 5.87 2.45
N PRO A 3 2.22 5.33 3.61
CA PRO A 3 2.34 3.88 3.83
C PRO A 3 0.98 3.19 3.87
N LYS A 4 -0.02 3.89 4.40
CA LYS A 4 -1.37 3.35 4.50
C LYS A 4 -1.92 3.03 3.12
N ILE A 5 -1.78 3.97 2.19
CA ILE A 5 -2.27 3.79 0.83
C ILE A 5 -1.30 2.94 0.02
N LEU A 6 -0.02 3.03 0.34
CA LEU A 6 1.01 2.27 -0.35
C LEU A 6 0.88 0.78 -0.07
N ARG A 7 0.75 0.43 1.21
CA ARG A 7 0.61 -0.96 1.61
C ARG A 7 -0.48 -1.66 0.81
N LYS A 8 -1.55 -0.93 0.52
CA LYS A 8 -2.67 -1.47 -0.23
C LYS A 8 -2.19 -2.15 -1.51
N ILE A 9 -1.30 -1.47 -2.23
CA ILE A 9 -0.75 -2.01 -3.46
C ILE A 9 0.13 -3.22 -3.20
N VAL A 10 0.91 -3.16 -2.11
CA VAL A 10 1.79 -4.26 -1.74
C VAL A 10 1.00 -5.53 -1.42
N ARG A 11 0.01 -5.40 -0.55
CA ARG A 11 -0.82 -6.52 -0.16
C ARG A 11 -1.41 -7.21 -1.39
N ALA A 12 -2.07 -6.44 -2.24
CA ALA A 12 -2.68 -6.96 -3.45
C ALA A 12 -1.63 -7.62 -4.34
N LEU A 13 -0.52 -6.92 -4.56
CA LEU A 13 0.55 -7.44 -5.39
C LEU A 13 1.05 -8.79 -4.88
N PHE A 1 3.74 9.85 -1.38
CA PHE A 1 2.68 8.91 -1.05
C PHE A 1 2.67 8.60 0.45
N LEU A 2 1.61 7.93 0.90
CA LEU A 2 1.47 7.58 2.30
C LEU A 2 1.62 6.08 2.51
N PRO A 3 2.00 5.67 3.73
CA PRO A 3 2.18 4.26 4.08
C PRO A 3 0.86 3.51 4.12
N LYS A 4 -0.19 4.18 4.59
CA LYS A 4 -1.51 3.56 4.68
C LYS A 4 -1.98 3.08 3.32
N ILE A 5 -1.85 3.94 2.31
CA ILE A 5 -2.27 3.60 0.95
C ILE A 5 -1.22 2.73 0.27
N LEU A 6 0.04 2.92 0.64
CA LEU A 6 1.13 2.16 0.06
C LEU A 6 1.04 0.69 0.45
N ARG A 7 0.91 0.44 1.75
CA ARG A 7 0.82 -0.91 2.26
C ARG A 7 -0.26 -1.70 1.52
N LYS A 8 -1.42 -1.09 1.34
CA LYS A 8 -2.53 -1.73 0.64
C LYS A 8 -2.08 -2.31 -0.69
N ILE A 9 -1.27 -1.53 -1.42
CA ILE A 9 -0.76 -1.97 -2.72
C ILE A 9 0.13 -3.20 -2.57
N VAL A 10 0.97 -3.19 -1.55
CA VAL A 10 1.88 -4.30 -1.30
C VAL A 10 1.11 -5.60 -1.08
N ARG A 11 0.13 -5.56 -0.19
CA ARG A 11 -0.69 -6.73 0.12
C ARG A 11 -1.29 -7.31 -1.16
N ALA A 12 -1.96 -6.47 -1.93
CA ALA A 12 -2.60 -6.89 -3.17
C ALA A 12 -1.56 -7.45 -4.14
N LEU A 13 -0.46 -6.74 -4.31
CA LEU A 13 0.61 -7.16 -5.21
C LEU A 13 1.11 -8.55 -4.83
N PHE A 1 3.29 10.25 -1.61
CA PHE A 1 2.43 9.12 -1.29
C PHE A 1 2.41 8.85 0.22
N LEU A 2 1.51 7.99 0.66
CA LEU A 2 1.40 7.65 2.06
C LEU A 2 1.59 6.15 2.29
N PRO A 3 1.95 5.77 3.52
CA PRO A 3 2.17 4.37 3.89
C PRO A 3 0.88 3.57 3.92
N LYS A 4 -0.22 4.23 4.30
CA LYS A 4 -1.52 3.58 4.37
C LYS A 4 -1.96 3.10 3.00
N ILE A 5 -1.85 3.97 2.00
CA ILE A 5 -2.23 3.64 0.63
C ILE A 5 -1.18 2.76 -0.03
N LEU A 6 0.07 2.94 0.37
CA LEU A 6 1.17 2.17 -0.19
C LEU A 6 1.12 0.72 0.28
N ARG A 7 1.03 0.52 1.59
CA ARG A 7 0.96 -0.81 2.17
C ARG A 7 -0.12 -1.64 1.49
N LYS A 8 -1.29 -1.03 1.28
CA LYS A 8 -2.41 -1.72 0.64
C LYS A 8 -1.98 -2.37 -0.66
N ILE A 9 -1.19 -1.64 -1.45
CA ILE A 9 -0.70 -2.15 -2.73
C ILE A 9 0.19 -3.37 -2.53
N VAL A 10 1.05 -3.30 -1.52
CA VAL A 10 1.96 -4.40 -1.21
C VAL A 10 1.20 -5.68 -0.92
N ARG A 11 0.24 -5.59 0.00
CA ARG A 11 -0.57 -6.74 0.38
C ARG A 11 -1.20 -7.39 -0.85
N ALA A 12 -1.88 -6.60 -1.65
CA ALA A 12 -2.54 -7.10 -2.86
C ALA A 12 -1.51 -7.72 -3.81
N LEU A 13 -0.42 -7.00 -4.04
CA LEU A 13 0.63 -7.48 -4.94
C LEU A 13 1.14 -8.84 -4.48
N PHE A 1 3.87 9.95 -1.37
CA PHE A 1 2.89 8.89 -1.13
C PHE A 1 2.74 8.62 0.36
N LEU A 2 1.73 7.83 0.73
CA LEU A 2 1.49 7.49 2.12
C LEU A 2 1.54 5.98 2.33
N PRO A 3 1.77 5.56 3.58
CA PRO A 3 1.87 4.14 3.94
C PRO A 3 0.51 3.44 3.86
N LYS A 4 -0.55 4.17 4.20
CA LYS A 4 -1.89 3.62 4.16
C LYS A 4 -2.27 3.18 2.75
N ILE A 5 -2.01 4.04 1.77
CA ILE A 5 -2.32 3.74 0.38
C ILE A 5 -1.25 2.83 -0.22
N LEU A 6 -0.01 2.97 0.26
CA LEU A 6 1.09 2.17 -0.24
C LEU A 6 0.92 0.70 0.16
N ARG A 7 0.70 0.47 1.45
CA ARG A 7 0.52 -0.89 1.96
C ARG A 7 -0.52 -1.64 1.15
N LYS A 8 -1.64 -0.98 0.88
CA LYS A 8 -2.73 -1.58 0.11
C LYS A 8 -2.21 -2.19 -1.18
N ILE A 9 -1.32 -1.47 -1.86
CA ILE A 9 -0.74 -1.93 -3.11
C ILE A 9 0.09 -3.20 -2.89
N VAL A 10 0.87 -3.21 -1.81
CA VAL A 10 1.70 -4.35 -1.48
C VAL A 10 0.86 -5.62 -1.30
N ARG A 11 -0.17 -5.52 -0.47
CA ARG A 11 -1.05 -6.65 -0.21
C ARG A 11 -1.59 -7.22 -1.51
N ALA A 12 -2.19 -6.37 -2.33
CA ALA A 12 -2.75 -6.79 -3.61
C ALA A 12 -1.68 -7.41 -4.51
N LEU A 13 -0.53 -6.73 -4.61
CA LEU A 13 0.57 -7.22 -5.44
C LEU A 13 0.99 -8.62 -5.01
N PHE A 1 3.62 9.91 -1.54
CA PHE A 1 2.67 8.85 -1.23
C PHE A 1 2.61 8.60 0.27
N LEU A 2 1.64 7.79 0.69
CA LEU A 2 1.47 7.46 2.09
C LEU A 2 1.56 5.96 2.32
N PRO A 3 1.87 5.57 3.57
CA PRO A 3 2.00 4.15 3.95
C PRO A 3 0.66 3.43 3.94
N LYS A 4 -0.40 4.14 4.32
CA LYS A 4 -1.74 3.56 4.36
C LYS A 4 -2.16 3.09 2.98
N ILE A 5 -1.96 3.94 1.97
CA ILE A 5 -2.33 3.60 0.61
C ILE A 5 -1.28 2.71 -0.04
N LEU A 6 -0.03 2.89 0.38
CA LEU A 6 1.08 2.09 -0.15
C LEU A 6 0.97 0.64 0.28
N ARG A 7 0.80 0.42 1.58
CA ARG A 7 0.68 -0.93 2.11
C ARG A 7 -0.38 -1.73 1.36
N LYS A 8 -1.53 -1.10 1.14
CA LYS A 8 -2.63 -1.74 0.42
C LYS A 8 -2.14 -2.35 -0.88
N ILE A 9 -1.31 -1.61 -1.61
CA ILE A 9 -0.78 -2.09 -2.88
C ILE A 9 0.09 -3.32 -2.68
N VAL A 10 0.92 -3.30 -1.63
CA VAL A 10 1.79 -4.42 -1.33
C VAL A 10 0.99 -5.70 -1.11
N ARG A 11 0.00 -5.63 -0.23
CA ARG A 11 -0.84 -6.78 0.08
C ARG A 11 -1.42 -7.39 -1.21
N ALA A 12 -2.07 -6.55 -2.01
CA ALA A 12 -2.66 -7.00 -3.26
C ALA A 12 -1.60 -7.60 -4.19
N LEU A 13 -0.49 -6.89 -4.34
CA LEU A 13 0.59 -7.36 -5.21
C LEU A 13 1.07 -8.74 -4.78
N PHE A 1 3.20 10.10 -1.43
CA PHE A 1 2.28 9.01 -1.12
C PHE A 1 2.31 8.71 0.38
N LEU A 2 1.41 7.82 0.82
CA LEU A 2 1.33 7.45 2.22
C LEU A 2 1.58 5.95 2.39
N PRO A 3 1.97 5.55 3.61
CA PRO A 3 2.25 4.15 3.93
C PRO A 3 0.98 3.30 3.95
N LYS A 4 -0.10 3.87 4.46
CA LYS A 4 -1.37 3.17 4.54
C LYS A 4 -1.89 2.84 3.14
N ILE A 5 -1.91 3.84 2.27
CA ILE A 5 -2.38 3.66 0.90
C ILE A 5 -1.40 2.82 0.08
N LEU A 6 -0.11 2.99 0.38
CA LEU A 6 0.93 2.25 -0.33
C LEU A 6 0.89 0.77 0.04
N ARG A 7 0.91 0.49 1.33
CA ARG A 7 0.87 -0.88 1.82
C ARG A 7 -0.27 -1.66 1.17
N LYS A 8 -1.38 -0.98 0.93
CA LYS A 8 -2.54 -1.60 0.31
C LYS A 8 -2.15 -2.38 -0.95
N ILE A 9 -1.36 -1.74 -1.79
CA ILE A 9 -0.91 -2.38 -3.03
C ILE A 9 0.14 -3.45 -2.75
N VAL A 10 0.98 -3.21 -1.75
CA VAL A 10 2.02 -4.15 -1.37
C VAL A 10 1.42 -5.48 -0.94
N ARG A 11 0.46 -5.42 -0.01
CA ARG A 11 -0.20 -6.62 0.49
C ARG A 11 -0.75 -7.46 -0.65
N ALA A 12 -1.55 -6.83 -1.51
CA ALA A 12 -2.13 -7.51 -2.66
C ALA A 12 -1.06 -8.10 -3.56
N LEU A 13 -0.06 -7.30 -3.88
CA LEU A 13 1.03 -7.74 -4.74
C LEU A 13 1.70 -8.99 -4.18
N PHE A 1 3.31 10.08 -1.64
CA PHE A 1 2.41 8.97 -1.32
C PHE A 1 2.30 8.77 0.18
N LEU A 2 1.38 7.91 0.60
CA LEU A 2 1.18 7.62 2.01
C LEU A 2 1.47 6.15 2.31
N PRO A 3 1.76 5.86 3.59
CA PRO A 3 2.06 4.50 4.05
C PRO A 3 0.83 3.59 4.01
N LYS A 4 -0.32 4.14 4.39
CA LYS A 4 -1.57 3.38 4.39
C LYS A 4 -1.94 2.94 2.98
N ILE A 5 -1.92 3.88 2.05
CA ILE A 5 -2.25 3.58 0.66
C ILE A 5 -1.17 2.74 0.00
N LEU A 6 0.08 2.97 0.40
CA LEU A 6 1.20 2.23 -0.16
C LEU A 6 1.17 0.78 0.30
N ARG A 7 1.09 0.56 1.61
CA ARG A 7 1.06 -0.78 2.17
C ARG A 7 -0.04 -1.61 1.50
N LYS A 8 -1.20 -1.01 1.31
CA LYS A 8 -2.33 -1.70 0.68
C LYS A 8 -1.90 -2.35 -0.62
N ILE A 9 -1.13 -1.63 -1.43
CA ILE A 9 -0.66 -2.14 -2.71
C ILE A 9 0.23 -3.35 -2.50
N VAL A 10 1.12 -3.28 -1.51
CA VAL A 10 2.03 -4.37 -1.21
C VAL A 10 1.26 -5.66 -0.89
N ARG A 11 0.32 -5.56 0.03
CA ARG A 11 -0.48 -6.71 0.43
C ARG A 11 -1.12 -7.38 -0.79
N ALA A 12 -1.83 -6.58 -1.59
CA ALA A 12 -2.49 -7.09 -2.79
C ALA A 12 -1.48 -7.71 -3.74
N LEU A 13 -0.39 -7.00 -3.99
CA LEU A 13 0.65 -7.48 -4.89
C LEU A 13 1.18 -8.84 -4.44
N PHE A 1 3.40 10.11 -1.55
CA PHE A 1 2.49 9.02 -1.22
C PHE A 1 2.41 8.81 0.28
N LEU A 2 1.48 7.95 0.70
CA LEU A 2 1.30 7.65 2.12
C LEU A 2 1.58 6.19 2.41
N PRO A 3 1.88 5.88 3.68
CA PRO A 3 2.17 4.50 4.11
C PRO A 3 0.93 3.62 4.09
N LYS A 4 -0.20 4.18 4.50
CA LYS A 4 -1.45 3.45 4.53
C LYS A 4 -1.87 3.02 3.13
N ILE A 5 -1.86 3.98 2.20
CA ILE A 5 -2.22 3.70 0.82
C ILE A 5 -1.18 2.84 0.12
N LEU A 6 0.08 3.05 0.49
CA LEU A 6 1.19 2.29 -0.09
C LEU A 6 1.13 0.83 0.35
N ARG A 7 1.09 0.61 1.66
CA ARG A 7 1.04 -0.73 2.21
C ARG A 7 -0.09 -1.54 1.56
N LYS A 8 -1.24 -0.92 1.40
CA LYS A 8 -2.39 -1.57 0.80
C LYS A 8 -2.02 -2.24 -0.52
N ILE A 9 -1.26 -1.51 -1.35
CA ILE A 9 -0.82 -2.03 -2.64
C ILE A 9 0.06 -3.26 -2.46
N VAL A 10 0.96 -3.21 -1.49
CA VAL A 10 1.86 -4.32 -1.22
C VAL A 10 1.08 -5.60 -0.89
N ARG A 11 0.15 -5.49 0.06
CA ARG A 11 -0.65 -6.62 0.46
C ARG A 11 -1.34 -7.26 -0.74
N ALA A 12 -2.04 -6.45 -1.52
CA ALA A 12 -2.74 -6.94 -2.70
C ALA A 12 -1.77 -7.57 -3.69
N LEU A 13 -0.67 -6.87 -3.97
CA LEU A 13 0.34 -7.37 -4.89
C LEU A 13 0.85 -8.75 -4.46
N PHE A 1 3.97 9.83 -1.22
CA PHE A 1 2.93 8.84 -0.96
C PHE A 1 2.81 8.56 0.53
N LEU A 2 1.77 7.82 0.90
CA LEU A 2 1.53 7.47 2.29
C LEU A 2 1.72 5.97 2.52
N PRO A 3 1.98 5.59 3.78
CA PRO A 3 2.18 4.19 4.15
C PRO A 3 0.90 3.37 4.07
N LYS A 4 -0.21 3.99 4.47
CA LYS A 4 -1.51 3.32 4.44
C LYS A 4 -1.91 2.98 3.00
N ILE A 5 -1.81 3.96 2.12
CA ILE A 5 -2.16 3.75 0.72
C ILE A 5 -1.13 2.88 0.01
N LEU A 6 0.13 3.01 0.42
CA LEU A 6 1.21 2.23 -0.17
C LEU A 6 1.08 0.75 0.22
N ARG A 7 0.97 0.50 1.51
CA ARG A 7 0.85 -0.86 2.02
C ARG A 7 -0.27 -1.62 1.29
N LYS A 8 -1.40 -0.95 1.11
CA LYS A 8 -2.54 -1.55 0.43
C LYS A 8 -2.11 -2.16 -0.91
N ILE A 9 -1.30 -1.41 -1.66
CA ILE A 9 -0.83 -1.87 -2.96
C ILE A 9 0.02 -3.13 -2.81
N VAL A 10 0.88 -3.15 -1.80
CA VAL A 10 1.75 -4.29 -1.55
C VAL A 10 0.92 -5.56 -1.32
N ARG A 11 -0.04 -5.48 -0.41
CA ARG A 11 -0.89 -6.62 -0.10
C ARG A 11 -1.53 -7.18 -1.37
N ALA A 12 -2.19 -6.32 -2.12
CA ALA A 12 -2.84 -6.72 -3.36
C ALA A 12 -1.84 -7.33 -4.34
N LEU A 13 -0.72 -6.65 -4.53
CA LEU A 13 0.33 -7.11 -5.44
C LEU A 13 0.79 -8.52 -5.06
#